data_6L6L
#
_entry.id   6L6L
#
_cell.length_a   42.405
_cell.length_b   64.315
_cell.length_c   60.776
_cell.angle_alpha   90.000
_cell.angle_beta   96.840
_cell.angle_gamma   90.000
#
_symmetry.space_group_name_H-M   'P 1 21 1'
#
loop_
_entity.id
_entity.type
_entity.pdbx_description
1 polymer 'Nuclear receptor related 1'
2 polymer "DNA (5'-D(*AP*AP*AP*GP*GP*TP*CP*AP*AP*AP*CP*TP*GP*TP*GP*AP*CP*CP*TP*AP*T)-3')"
3 polymer "DNA (5'-D(P*TP*AP*TP*AP*GP*GP*TP*CP*AP*CP*AP*GP*TP*TP*TP*GP*AP*CP*CP*TP*T)-3')"
4 non-polymer 'ZINC ION'
5 water water
#
loop_
_entity_poly.entity_id
_entity_poly.type
_entity_poly.pdbx_seq_one_letter_code
_entity_poly.pdbx_strand_id
1 'polypeptide(L)'
;LCAVCGDNAACQHYGVRTCEGCKGFFKRTVQKNAKYVCLANKNCPVDKRRRNRCQYCRFQKCLAVGMVKEVVRTDSLKGR
RGRLP
;
A,B
2 'polydeoxyribonucleotide'
;(DA)(DA)(DA)(DG)(DG)(DT)(DC)(DA)(DA)(DA)(DC)(DT)(DG)(DT)(DG)(DA)(DC)(DC)(DT)(DA)
(DT)
;
C
3 'polydeoxyribonucleotide'
;(DT)(DA)(DT)(DA)(DG)(DG)(DT)(DC)(DA)(DC)(DA)(DG)(DT)(DT)(DT)(DG)(DA)(DC)(DC)(DT)
(DT)
;
D
#
loop_
_chem_comp.id
_chem_comp.type
_chem_comp.name
_chem_comp.formula
DA DNA linking 2'-DEOXYADENOSINE-5'-MONOPHOSPHATE 'C10 H14 N5 O6 P'
DC DNA linking 2'-DEOXYCYTIDINE-5'-MONOPHOSPHATE 'C9 H14 N3 O7 P'
DG DNA linking 2'-DEOXYGUANOSINE-5'-MONOPHOSPHATE 'C10 H14 N5 O7 P'
DT DNA linking THYMIDINE-5'-MONOPHOSPHATE 'C10 H15 N2 O8 P'
ZN non-polymer 'ZINC ION' 'Zn 2'
#
# COMPACT_ATOMS: atom_id res chain seq x y z
N LEU A 1 -27.29 7.03 -6.13
CA LEU A 1 -26.05 7.73 -6.39
C LEU A 1 -25.15 7.72 -5.21
N CYS A 2 -24.03 7.10 -5.42
CA CYS A 2 -23.03 6.88 -4.39
C CYS A 2 -22.46 8.20 -3.89
N ALA A 3 -22.32 8.33 -2.58
CA ALA A 3 -21.79 9.54 -1.97
C ALA A 3 -20.27 9.62 -2.05
N VAL A 4 -19.59 8.51 -2.36
CA VAL A 4 -18.13 8.48 -2.39
C VAL A 4 -17.60 8.69 -3.81
N CYS A 5 -18.20 8.05 -4.82
CA CYS A 5 -17.66 8.16 -6.16
C CYS A 5 -18.66 8.64 -7.20
N GLY A 6 -19.90 8.91 -6.81
CA GLY A 6 -20.89 9.38 -7.76
C GLY A 6 -21.41 8.33 -8.70
N ASP A 7 -21.10 7.06 -8.46
CA ASP A 7 -21.60 5.97 -9.26
C ASP A 7 -23.01 5.58 -8.82
N ASN A 8 -23.62 4.68 -9.60
CA ASN A 8 -24.94 4.17 -9.27
C ASN A 8 -24.91 3.47 -7.92
N ALA A 9 -25.91 3.76 -7.08
CA ALA A 9 -26.00 3.17 -5.75
C ALA A 9 -27.44 2.76 -5.50
N ALA A 10 -27.66 1.45 -5.37
CA ALA A 10 -29.02 0.95 -5.18
C ALA A 10 -29.54 1.23 -3.78
N CYS A 11 -28.69 1.08 -2.77
CA CYS A 11 -29.12 1.22 -1.38
C CYS A 11 -27.91 1.65 -0.55
N GLN A 12 -28.13 1.73 0.76
CA GLN A 12 -27.08 2.12 1.69
C GLN A 12 -26.18 0.95 2.10
N HIS A 13 -24.93 1.27 2.44
CA HIS A 13 -23.97 0.26 2.85
C HIS A 13 -23.10 0.83 3.95
N TYR A 14 -23.05 0.14 5.10
CA TYR A 14 -22.31 0.59 6.27
C TYR A 14 -22.61 2.05 6.61
N GLY A 15 -23.86 2.44 6.41
CA GLY A 15 -24.37 3.72 6.88
C GLY A 15 -24.69 4.73 5.80
N VAL A 16 -24.12 4.60 4.61
CA VAL A 16 -24.27 5.62 3.57
C VAL A 16 -24.64 4.95 2.25
N ARG A 17 -25.49 5.63 1.48
CA ARG A 17 -25.73 5.31 0.08
C ARG A 17 -24.37 5.26 -0.61
N THR A 18 -24.01 4.09 -1.14
CA THR A 18 -22.71 3.89 -1.76
C THR A 18 -22.89 2.83 -2.84
N CYS A 19 -21.97 2.83 -3.79
CA CYS A 19 -22.01 1.81 -4.83
C CYS A 19 -21.37 0.53 -4.30
N GLU A 20 -21.59 -0.57 -5.00
CA GLU A 20 -21.03 -1.83 -4.53
C GLU A 20 -19.53 -1.91 -4.74
N GLY A 21 -18.96 -0.94 -5.48
CA GLY A 21 -17.51 -0.82 -5.53
C GLY A 21 -16.94 -0.26 -4.24
N CYS A 22 -17.46 0.89 -3.80
CA CYS A 22 -16.97 1.49 -2.57
C CYS A 22 -17.44 0.71 -1.36
N LYS A 23 -18.55 -0.03 -1.48
CA LYS A 23 -18.95 -0.98 -0.46
C LYS A 23 -17.86 -2.02 -0.23
N GLY A 24 -17.49 -2.75 -1.27
CA GLY A 24 -16.48 -3.78 -1.13
C GLY A 24 -15.13 -3.22 -0.70
N PHE A 25 -14.78 -2.04 -1.22
CA PHE A 25 -13.53 -1.40 -0.81
C PHE A 25 -13.53 -1.07 0.68
N PHE A 26 -14.61 -0.44 1.16
CA PHE A 26 -14.73 -0.13 2.58
C PHE A 26 -14.71 -1.40 3.43
N LYS A 27 -15.48 -2.41 3.02
CA LYS A 27 -15.52 -3.65 3.79
C LYS A 27 -14.13 -4.28 3.87
N ARG A 28 -13.48 -4.47 2.73
CA ARG A 28 -12.17 -5.11 2.71
C ARG A 28 -11.14 -4.33 3.52
N THR A 29 -11.16 -3.00 3.41
CA THR A 29 -10.18 -2.19 4.14
C THR A 29 -10.29 -2.39 5.64
N VAL A 30 -11.50 -2.32 6.18
CA VAL A 30 -11.70 -2.49 7.62
C VAL A 30 -11.46 -3.92 8.04
N GLN A 31 -11.96 -4.88 7.26
CA GLN A 31 -11.77 -6.29 7.60
C GLN A 31 -10.30 -6.64 7.75
N LYS A 32 -9.45 -6.17 6.85
CA LYS A 32 -8.04 -6.47 6.90
C LYS A 32 -7.24 -5.43 7.67
N ASN A 33 -7.90 -4.37 8.16
CA ASN A 33 -7.24 -3.27 8.85
C ASN A 33 -6.08 -2.72 8.01
N ALA A 34 -6.28 -2.69 6.70
CA ALA A 34 -5.23 -2.23 5.80
C ALA A 34 -5.12 -0.71 5.86
N LYS A 35 -3.91 -0.21 5.64
CA LYS A 35 -3.64 1.22 5.63
C LYS A 35 -2.93 1.61 4.35
N TYR A 36 -3.22 2.81 3.87
CA TYR A 36 -2.73 3.33 2.61
C TYR A 36 -2.01 4.66 2.85
N VAL A 37 -1.22 5.06 1.86
CA VAL A 37 -0.51 6.33 1.88
C VAL A 37 -0.79 7.08 0.59
N CYS A 38 -1.26 8.31 0.71
CA CYS A 38 -1.41 9.18 -0.46
C CYS A 38 -0.05 9.62 -0.97
N LEU A 39 0.20 9.37 -2.23
CA LEU A 39 1.46 9.77 -2.83
C LEU A 39 1.49 11.21 -3.18
N ALA A 40 0.37 11.88 -3.02
CA ALA A 40 0.22 13.26 -3.32
C ALA A 40 -0.04 13.96 -2.05
N ASN A 41 -0.89 14.96 -2.07
CA ASN A 41 -1.25 15.70 -0.89
C ASN A 41 -2.61 15.53 -0.25
N LYS A 42 -3.15 14.32 -0.33
CA LYS A 42 -4.41 13.91 0.23
C LYS A 42 -5.50 14.65 -0.38
N ASN A 43 -5.37 14.87 -1.66
CA ASN A 43 -6.33 15.65 -2.42
C ASN A 43 -6.81 14.99 -3.70
N CYS A 44 -6.63 13.68 -3.86
CA CYS A 44 -7.00 13.05 -5.10
C CYS A 44 -8.52 13.04 -5.33
N PRO A 45 -8.98 13.32 -6.55
CA PRO A 45 -10.43 13.33 -6.79
C PRO A 45 -10.94 11.91 -6.87
N VAL A 46 -11.99 11.63 -6.10
CA VAL A 46 -12.57 10.28 -6.11
C VAL A 46 -13.91 10.36 -6.83
N ASP A 47 -13.88 10.08 -8.13
CA ASP A 47 -15.04 10.00 -8.98
C ASP A 47 -15.22 8.54 -9.40
N LYS A 48 -16.24 8.28 -10.23
CA LYS A 48 -16.46 6.91 -10.69
C LYS A 48 -15.26 6.40 -11.50
N ARG A 49 -14.50 7.30 -12.12
CA ARG A 49 -13.43 6.91 -13.03
C ARG A 49 -12.05 6.94 -12.38
N ARG A 50 -11.84 7.78 -11.36
CA ARG A 50 -10.54 7.89 -10.71
C ARG A 50 -10.54 7.33 -9.29
N ARG A 51 -11.66 6.74 -8.84
CA ARG A 51 -11.75 6.20 -7.50
C ARG A 51 -10.59 5.27 -7.17
N ASN A 52 -10.05 4.56 -8.15
CA ASN A 52 -9.02 3.57 -7.90
C ASN A 52 -7.62 4.11 -8.02
N ARG A 53 -7.45 5.42 -8.21
CA ARG A 53 -6.13 5.98 -8.40
C ARG A 53 -5.41 6.30 -7.10
N CYS A 54 -6.13 6.35 -5.97
CA CYS A 54 -5.48 6.63 -4.69
C CYS A 54 -6.47 5.92 -3.75
N GLN A 55 -5.97 4.95 -2.99
CA GLN A 55 -6.87 4.18 -2.13
C GLN A 55 -6.92 4.94 -0.81
N TYR A 56 -5.85 5.65 -0.45
CA TYR A 56 -5.89 6.43 0.79
C TYR A 56 -6.97 7.50 0.72
N CYS A 57 -7.00 8.26 -0.37
CA CYS A 57 -8.00 9.32 -0.51
C CYS A 57 -9.40 8.72 -0.66
N ARG A 58 -9.52 7.56 -1.30
CA ARG A 58 -10.81 6.90 -1.41
C ARG A 58 -11.33 6.47 -0.03
N PHE A 59 -10.44 6.08 0.88
CA PHE A 59 -10.89 5.69 2.22
C PHE A 59 -11.16 6.88 3.14
N GLN A 60 -10.48 7.99 2.93
CA GLN A 60 -10.70 9.24 3.64
C GLN A 60 -11.95 9.96 3.13
N LYS A 61 -12.47 9.62 1.95
CA LYS A 61 -13.80 10.10 1.60
C LYS A 61 -14.88 9.16 2.11
N CYS A 62 -14.59 7.86 2.17
CA CYS A 62 -15.49 6.93 2.84
C CYS A 62 -15.75 7.37 4.28
N LEU A 63 -14.71 7.80 4.99
CA LEU A 63 -14.88 8.24 6.37
C LEU A 63 -15.47 9.64 6.44
N ALA A 64 -15.08 10.52 5.51
CA ALA A 64 -15.63 11.88 5.51
C ALA A 64 -17.12 11.87 5.19
N VAL A 65 -17.52 11.05 4.22
CA VAL A 65 -18.93 10.94 3.84
C VAL A 65 -19.77 10.36 4.97
N GLY A 66 -19.15 9.62 5.88
CA GLY A 66 -19.80 9.13 7.06
C GLY A 66 -20.02 7.63 7.17
N MET A 67 -19.32 6.82 6.38
CA MET A 67 -19.40 5.38 6.58
C MET A 67 -18.72 5.00 7.89
N VAL A 68 -19.34 4.08 8.62
CA VAL A 68 -18.93 3.77 9.99
C VAL A 68 -18.25 2.41 9.99
N LYS A 69 -17.03 2.38 10.54
CA LYS A 69 -16.21 1.17 10.57
C LYS A 69 -16.93 0.02 11.28
N GLU A 70 -17.68 0.33 12.35
CA GLU A 70 -18.20 -0.69 13.25
C GLU A 70 -19.24 -1.59 12.59
N VAL A 71 -19.89 -1.14 11.52
CA VAL A 71 -20.94 -1.95 10.89
C VAL A 71 -20.36 -3.20 10.24
N VAL A 72 -19.09 -3.15 9.83
CA VAL A 72 -18.43 -4.36 9.35
C VAL A 72 -18.30 -5.36 10.49
N ARG A 73 -18.69 -6.59 10.22
CA ARG A 73 -18.87 -7.59 11.27
C ARG A 73 -17.55 -8.30 11.57
N THR A 74 -17.20 -8.35 12.85
CA THR A 74 -16.01 -9.05 13.32
C THR A 74 -16.35 -9.77 14.62
N ASP A 75 -15.37 -10.49 15.15
CA ASP A 75 -15.44 -11.17 16.45
C ASP A 75 -16.61 -12.15 16.41
N SER A 76 -17.56 -12.08 17.34
CA SER A 76 -18.69 -13.01 17.36
C SER A 76 -19.41 -13.07 16.02
N LEU A 77 -19.61 -11.92 15.38
CA LEU A 77 -20.52 -11.79 14.26
C LEU A 77 -19.85 -11.90 12.89
N LYS A 78 -18.63 -12.45 12.82
CA LYS A 78 -18.01 -12.53 11.51
C LYS A 78 -18.42 -13.82 10.82
N GLY A 79 -18.49 -13.76 9.47
CA GLY A 79 -19.17 -14.78 8.71
C GLY A 79 -20.68 -14.75 8.81
N ARG A 80 -21.22 -14.03 9.78
CA ARG A 80 -22.67 -13.83 9.89
C ARG A 80 -23.16 -12.92 8.78
N ARG A 81 -24.10 -13.42 7.98
CA ARG A 81 -24.68 -12.67 6.88
C ARG A 81 -26.13 -12.32 7.20
N GLY A 82 -26.75 -11.58 6.29
CA GLY A 82 -28.12 -11.15 6.44
C GLY A 82 -28.28 -10.09 7.52
N ARG A 83 -29.52 -9.88 7.93
CA ARG A 83 -29.83 -8.88 8.95
C ARG A 83 -29.64 -9.45 10.36
N LEU A 84 -29.92 -8.62 11.36
CA LEU A 84 -29.79 -9.03 12.75
C LEU A 84 -31.00 -8.61 13.57
N PRO A 85 -31.43 -9.47 14.50
CA PRO A 85 -32.58 -9.20 15.36
C PRO A 85 -32.29 -8.12 16.39
N LEU B 1 25.68 -13.26 -0.85
CA LEU B 1 24.66 -13.02 0.16
C LEU B 1 24.30 -11.55 0.25
N CYS B 2 23.01 -11.27 0.44
CA CYS B 2 22.52 -9.90 0.53
C CYS B 2 22.45 -9.44 1.99
N ALA B 3 22.68 -8.15 2.20
CA ALA B 3 22.64 -7.58 3.55
C ALA B 3 21.22 -7.41 4.06
N VAL B 4 20.21 -7.47 3.20
CA VAL B 4 18.84 -7.24 3.64
C VAL B 4 18.13 -8.56 3.98
N CYS B 5 18.26 -9.58 3.14
CA CYS B 5 17.53 -10.82 3.34
C CYS B 5 18.38 -12.09 3.28
N GLY B 6 19.69 -11.98 3.07
CA GLY B 6 20.55 -13.15 3.07
C GLY B 6 20.50 -14.05 1.86
N ASP B 7 19.89 -13.61 0.77
CA ASP B 7 19.89 -14.38 -0.46
C ASP B 7 21.22 -14.17 -1.19
N ASN B 8 21.42 -14.94 -2.26
CA ASN B 8 22.63 -14.79 -3.06
C ASN B 8 22.74 -13.37 -3.60
N ALA B 9 23.92 -12.78 -3.46
CA ALA B 9 24.18 -11.41 -3.89
C ALA B 9 25.52 -11.39 -4.60
N ALA B 10 25.50 -11.16 -5.91
CA ALA B 10 26.73 -11.21 -6.69
C ALA B 10 27.62 -10.00 -6.43
N CYS B 11 27.02 -8.83 -6.30
CA CYS B 11 27.79 -7.59 -6.17
C CYS B 11 26.92 -6.57 -5.44
N GLN B 12 27.45 -5.36 -5.31
CA GLN B 12 26.75 -4.25 -4.67
C GLN B 12 25.69 -3.60 -5.55
N HIS B 13 24.68 -3.04 -4.91
CA HIS B 13 23.62 -2.32 -5.62
C HIS B 13 23.17 -1.14 -4.78
N TYR B 14 23.27 0.06 -5.36
CA TYR B 14 22.95 1.31 -4.68
C TYR B 14 23.65 1.41 -3.34
N GLY B 15 24.87 0.89 -3.27
CA GLY B 15 25.75 1.08 -2.14
C GLY B 15 25.95 -0.11 -1.23
N VAL B 16 25.14 -1.17 -1.37
CA VAL B 16 25.16 -2.27 -0.41
C VAL B 16 25.09 -3.59 -1.15
N ARG B 17 25.78 -4.58 -0.60
CA ARG B 17 25.65 -5.95 -1.05
C ARG B 17 24.18 -6.34 -1.02
N THR B 18 23.58 -6.65 -2.18
CA THR B 18 22.16 -6.98 -2.21
C THR B 18 21.91 -7.93 -3.37
N CYS B 19 20.82 -8.67 -3.23
CA CYS B 19 20.37 -9.59 -4.25
C CYS B 19 19.58 -8.84 -5.32
N GLU B 20 19.29 -9.55 -6.41
CA GLU B 20 18.56 -8.94 -7.50
C GLU B 20 17.08 -8.75 -7.20
N GLY B 21 16.56 -9.36 -6.12
CA GLY B 21 15.22 -9.04 -5.67
C GLY B 21 15.15 -7.68 -4.98
N CYS B 22 15.98 -7.49 -3.95
CA CYS B 22 15.96 -6.23 -3.21
C CYS B 22 16.60 -5.11 -4.02
N LYS B 23 17.46 -5.46 -4.96
CA LYS B 23 17.93 -4.49 -5.93
C LYS B 23 16.76 -3.85 -6.65
N GLY B 24 15.96 -4.67 -7.33
CA GLY B 24 14.82 -4.15 -8.07
C GLY B 24 13.77 -3.51 -7.17
N PHE B 25 13.53 -4.10 -5.99
CA PHE B 25 12.54 -3.53 -5.08
C PHE B 25 12.94 -2.13 -4.64
N PHE B 26 14.20 -1.97 -4.20
CA PHE B 26 14.69 -0.65 -3.82
C PHE B 26 14.63 0.31 -5.01
N LYS B 27 15.04 -0.16 -6.18
CA LYS B 27 15.00 0.67 -7.39
C LYS B 27 13.58 1.11 -7.70
N ARG B 28 12.65 0.16 -7.77
CA ARG B 28 11.26 0.50 -8.08
C ARG B 28 10.68 1.43 -7.03
N THR B 29 10.98 1.19 -5.75
CA THR B 29 10.47 2.06 -4.69
C THR B 29 10.93 3.51 -4.91
N VAL B 30 12.23 3.70 -5.19
CA VAL B 30 12.74 5.05 -5.41
C VAL B 30 12.18 5.63 -6.70
N GLN B 31 12.11 4.82 -7.77
CA GLN B 31 11.59 5.30 -9.04
C GLN B 31 10.17 5.85 -8.90
N LYS B 32 9.30 5.13 -8.18
CA LYS B 32 7.93 5.56 -7.97
C LYS B 32 7.72 6.39 -6.72
N ASN B 33 8.75 6.57 -5.90
CA ASN B 33 8.62 7.27 -4.61
C ASN B 33 7.47 6.68 -3.79
N ALA B 34 7.34 5.35 -3.83
CA ALA B 34 6.24 4.68 -3.15
C ALA B 34 6.45 4.69 -1.65
N LYS B 35 5.33 4.64 -0.91
CA LYS B 35 5.34 4.60 0.53
C LYS B 35 4.55 3.39 1.01
N TYR B 36 5.03 2.78 2.09
CA TYR B 36 4.44 1.55 2.62
C TYR B 36 4.09 1.75 4.09
N VAL B 37 3.24 0.86 4.60
CA VAL B 37 2.83 0.87 6.00
C VAL B 37 3.03 -0.52 6.58
N CYS B 38 3.79 -0.60 7.66
CA CYS B 38 3.89 -1.86 8.40
C CYS B 38 2.61 -2.11 9.19
N LEU B 39 1.99 -3.27 8.95
CA LEU B 39 0.81 -3.65 9.72
C LEU B 39 1.16 -4.29 11.06
N ALA B 40 2.43 -4.44 11.35
CA ALA B 40 2.88 -5.00 12.61
C ALA B 40 3.63 -3.94 13.32
N ASN B 41 4.70 -4.31 14.02
CA ASN B 41 5.42 -3.36 14.84
C ASN B 41 6.78 -2.99 14.39
N LYS B 42 6.92 -2.86 13.09
CA LYS B 42 8.12 -2.45 12.38
C LYS B 42 9.28 -3.35 12.59
N ASN B 43 8.99 -4.63 12.68
CA ASN B 43 9.98 -5.61 12.93
C ASN B 43 9.71 -6.87 12.23
N CYS B 44 8.93 -6.84 11.19
CA CYS B 44 8.68 -8.05 10.44
C CYS B 44 9.98 -8.70 9.95
N PRO B 45 10.08 -10.02 10.03
CA PRO B 45 11.36 -10.68 9.72
C PRO B 45 11.69 -10.68 8.23
N VAL B 46 12.80 -10.03 7.89
CA VAL B 46 13.21 -9.97 6.49
C VAL B 46 14.34 -10.92 6.15
N ASP B 47 13.97 -12.15 5.79
CA ASP B 47 14.87 -13.15 5.24
C ASP B 47 14.45 -13.43 3.79
N LYS B 48 15.19 -14.31 3.14
CA LYS B 48 14.92 -14.63 1.74
C LYS B 48 13.48 -15.08 1.48
N ARG B 49 12.86 -15.70 2.47
CA ARG B 49 11.50 -16.20 2.31
C ARG B 49 10.45 -15.25 2.86
N ARG B 50 10.73 -14.37 3.75
CA ARG B 50 9.60 -13.58 4.12
C ARG B 50 9.74 -12.14 3.77
N ARG B 51 10.71 -11.82 2.90
CA ARG B 51 11.03 -10.46 2.50
C ARG B 51 9.85 -9.66 1.96
N ASN B 52 8.93 -10.33 1.25
CA ASN B 52 7.86 -9.65 0.53
C ASN B 52 6.55 -9.59 1.32
N ARG B 53 6.57 -9.96 2.59
CA ARG B 53 5.36 -9.91 3.41
C ARG B 53 5.12 -8.53 4.02
N CYS B 54 6.11 -7.65 4.00
CA CYS B 54 5.98 -6.31 4.55
C CYS B 54 7.02 -5.56 3.72
N GLN B 55 6.54 -4.61 2.91
CA GLN B 55 7.44 -3.87 2.03
C GLN B 55 8.03 -2.75 2.86
N TYR B 56 7.31 -2.26 3.87
CA TYR B 56 7.85 -1.22 4.73
C TYR B 56 9.09 -1.72 5.46
N CYS B 57 9.00 -2.89 6.09
CA CYS B 57 10.15 -3.43 6.79
C CYS B 57 11.27 -3.84 5.83
N ARG B 58 10.91 -4.33 4.64
CA ARG B 58 11.94 -4.63 3.65
C ARG B 58 12.63 -3.36 3.20
N PHE B 59 11.90 -2.26 3.10
CA PHE B 59 12.51 -0.97 2.77
C PHE B 59 13.18 -0.34 3.98
N GLN B 60 12.70 -0.64 5.18
CA GLN B 60 13.34 -0.11 6.39
C GLN B 60 14.64 -0.84 6.71
N LYS B 61 14.81 -2.04 6.16
CA LYS B 61 16.10 -2.71 6.25
C LYS B 61 17.02 -2.32 5.11
N CYS B 62 16.45 -1.98 3.94
CA CYS B 62 17.25 -1.44 2.85
C CYS B 62 18.00 -0.18 3.28
N LEU B 63 17.33 0.71 4.02
CA LEU B 63 17.98 1.93 4.47
C LEU B 63 18.88 1.70 5.67
N ALA B 64 18.52 0.76 6.55
CA ALA B 64 19.34 0.50 7.73
C ALA B 64 20.72 -0.05 7.35
N VAL B 65 20.72 -1.01 6.43
CA VAL B 65 21.96 -1.61 5.96
C VAL B 65 22.85 -0.52 5.39
N GLY B 66 22.28 0.34 4.54
CA GLY B 66 23.05 1.42 3.95
C GLY B 66 22.77 1.72 2.49
N MET B 67 21.61 1.29 2.00
CA MET B 67 21.26 1.54 0.60
C MET B 67 21.11 3.05 0.38
N VAL B 68 21.60 3.54 -0.76
CA VAL B 68 21.51 4.95 -1.05
C VAL B 68 20.41 5.38 -1.99
N LYS B 69 19.48 6.19 -1.52
CA LYS B 69 18.39 6.59 -2.40
C LYS B 69 18.92 7.28 -3.66
N GLU B 70 19.95 8.13 -3.50
CA GLU B 70 20.41 8.99 -4.58
C GLU B 70 21.07 8.21 -5.71
N VAL B 71 21.58 7.00 -5.45
CA VAL B 71 22.24 6.25 -6.52
C VAL B 71 21.23 5.82 -7.59
N VAL B 72 19.96 5.65 -7.24
CA VAL B 72 18.94 5.41 -8.24
C VAL B 72 18.81 6.64 -9.11
N ARG B 73 18.76 6.43 -10.42
CA ARG B 73 18.93 7.52 -11.38
C ARG B 73 17.60 8.21 -11.65
N THR B 74 17.61 9.54 -11.57
CA THR B 74 16.47 10.38 -11.87
C THR B 74 16.96 11.60 -12.65
N ASP B 75 16.03 12.47 -13.02
CA ASP B 75 16.31 13.75 -13.68
C ASP B 75 17.06 13.46 -14.98
N SER B 76 18.22 14.09 -15.22
CA SER B 76 18.98 13.88 -16.45
C SER B 76 19.30 12.41 -16.69
N LEU B 77 19.65 11.67 -15.64
CA LEU B 77 20.23 10.34 -15.79
C LEU B 77 19.18 9.22 -15.78
N LYS B 78 17.94 9.53 -16.15
CA LYS B 78 16.92 8.49 -16.22
C LYS B 78 17.05 7.74 -17.54
N GLY B 79 16.78 6.43 -17.50
CA GLY B 79 17.03 5.55 -18.63
C GLY B 79 18.47 5.55 -19.14
N ARG B 80 19.43 5.88 -18.28
CA ARG B 80 20.83 5.85 -18.68
C ARG B 80 21.33 4.61 -17.93
N ARG B 81 21.92 3.68 -18.66
CA ARG B 81 22.49 2.47 -18.08
C ARG B 81 24.02 2.52 -18.10
N GLY B 82 24.62 1.48 -17.54
CA GLY B 82 26.06 1.27 -17.40
C GLY B 82 26.68 2.22 -16.39
N ARG B 83 28.00 2.27 -16.46
CA ARG B 83 28.84 3.11 -15.61
C ARG B 83 28.80 4.54 -16.19
N LEU B 84 29.53 5.44 -15.54
CA LEU B 84 29.53 6.84 -15.96
C LEU B 84 30.95 7.37 -16.00
ZN ZN E . -18.72 4.31 -4.96
ZN ZN F . -4.48 10.80 -2.60
ZN ZN G . 17.71 -9.25 -0.79
ZN ZN H . 6.66 -4.63 8.99
#